data_3L5P
#
_entry.id   3L5P
#
_cell.length_a   67.675
_cell.length_b   67.854
_cell.length_c   89.009
_cell.angle_alpha   90.000
_cell.angle_beta   90.000
_cell.angle_gamma   90.000
#
_symmetry.space_group_name_H-M   'P 21 21 21'
#
loop_
_entity.id
_entity.type
_entity.pdbx_description
1 polymer 'Macrophage migration inhibitory factor'
2 non-polymer 2-(1-methylethyl)imidazo[1,2-b]pyridazin-6-ol
3 non-polymer GLYCEROL
4 non-polymer 'SULFATE ION'
5 water water
#
_entity_poly.entity_id   1
_entity_poly.type   'polypeptide(L)'
_entity_poly.pdbx_seq_one_letter_code
;PMFIVNTNVPRASVPDGFLSELTQQLAQATGKPPQYIAVHVVPDQLMAFGGSSEPCALCSLHSIGKIGGAQNRSYSKLLC
GLLAERLRISPDRVYINYYDMNAANVGWNNSTFALEHHHHHH
;
_entity_poly.pdbx_strand_id   A,B,C
#
loop_
_chem_comp.id
_chem_comp.type
_chem_comp.name
_chem_comp.formula
428 non-polymer 2-(1-methylethyl)imidazo[1,2-b]pyridazin-6-ol 'C9 H11 N3 O'
GOL non-polymer GLYCEROL 'C3 H8 O3'
SO4 non-polymer 'SULFATE ION' 'O4 S -2'
#
# COMPACT_ATOMS: atom_id res chain seq x y z
N PRO A 1 -14.67 3.76 4.91
CA PRO A 1 -13.51 4.30 4.16
C PRO A 1 -12.20 4.17 4.94
N MET A 2 -11.09 4.15 4.21
CA MET A 2 -9.77 3.90 4.77
C MET A 2 -8.76 4.89 4.20
N PHE A 3 -8.10 5.64 5.08
CA PHE A 3 -7.10 6.62 4.66
C PHE A 3 -5.74 6.32 5.26
N ILE A 4 -4.73 6.23 4.39
CA ILE A 4 -3.37 5.96 4.83
C ILE A 4 -2.47 7.13 4.45
N VAL A 5 -1.65 7.59 5.37
CA VAL A 5 -0.61 8.60 5.10
CA VAL A 5 -0.61 8.58 5.07
C VAL A 5 0.77 8.07 5.44
N ASN A 6 1.66 8.04 4.45
CA ASN A 6 3.06 7.74 4.69
C ASN A 6 3.85 9.03 4.49
N THR A 7 4.72 9.38 5.43
CA THR A 7 5.44 10.64 5.35
C THR A 7 6.82 10.54 5.98
N ASN A 8 7.76 11.36 5.51
CA ASN A 8 9.10 11.41 6.08
C ASN A 8 9.17 12.39 7.26
N VAL A 9 8.06 13.04 7.56
CA VAL A 9 7.99 13.91 8.74
C VAL A 9 8.17 13.06 10.00
N PRO A 10 8.96 13.56 10.95
CA PRO A 10 9.22 12.80 12.18
C PRO A 10 7.99 12.58 13.04
N ARG A 11 7.98 11.50 13.81
CA ARG A 11 6.82 11.15 14.62
C ARG A 11 6.47 12.27 15.61
N ALA A 12 7.49 12.90 16.18
CA ALA A 12 7.29 13.94 17.18
C ALA A 12 6.51 15.12 16.61
N SER A 13 6.50 15.26 15.29
CA SER A 13 5.83 16.37 14.63
C SER A 13 4.37 16.10 14.32
N VAL A 14 3.90 14.88 14.60
CA VAL A 14 2.48 14.56 14.47
C VAL A 14 1.77 15.01 15.74
N PRO A 15 0.81 15.94 15.61
CA PRO A 15 0.16 16.56 16.77
C PRO A 15 -0.84 15.63 17.44
N ASP A 16 -0.97 15.75 18.76
CA ASP A 16 -2.06 15.08 19.47
C ASP A 16 -3.36 15.46 18.79
N GLY A 17 -4.22 14.47 18.55
CA GLY A 17 -5.52 14.73 17.96
C GLY A 17 -5.59 14.49 16.46
N PHE A 18 -4.45 14.21 15.84
CA PHE A 18 -4.38 14.13 14.38
C PHE A 18 -5.24 13.00 13.80
N LEU A 19 -5.16 11.80 14.37
CA LEU A 19 -5.96 10.69 13.88
C LEU A 19 -7.45 10.98 14.04
N SER A 20 -7.80 11.63 15.14
CA SER A 20 -9.19 11.93 15.43
C SER A 20 -9.72 12.98 14.48
N GLU A 21 -8.88 13.94 14.13
CA GLU A 21 -9.28 14.99 13.19
C GLU A 21 -9.48 14.41 11.80
N LEU A 22 -8.57 13.54 11.38
CA LEU A 22 -8.72 12.83 10.10
C LEU A 22 -10.00 12.01 10.09
N THR A 23 -10.28 11.31 11.19
CA THR A 23 -11.47 10.48 11.25
C THR A 23 -12.72 11.34 11.09
N GLN A 24 -12.80 12.42 11.88
CA GLN A 24 -14.00 13.25 11.85
C GLN A 24 -14.20 13.96 10.52
N GLN A 25 -13.11 14.49 9.95
CA GLN A 25 -13.21 15.22 8.69
C GLN A 25 -13.49 14.32 7.49
N LEU A 26 -12.98 13.09 7.53
CA LEU A 26 -13.26 12.13 6.47
C LEU A 26 -14.69 11.61 6.57
N ALA A 27 -15.18 11.43 7.79
CA ALA A 27 -16.57 11.05 7.98
C ALA A 27 -17.45 12.12 7.33
N GLN A 28 -17.17 13.37 7.63
CA GLN A 28 -17.96 14.48 7.10
C GLN A 28 -17.90 14.51 5.58
N ALA A 29 -16.70 14.37 5.02
CA ALA A 29 -16.49 14.52 3.59
C ALA A 29 -17.06 13.36 2.77
N THR A 30 -17.02 12.15 3.32
CA THR A 30 -17.49 10.98 2.58
C THR A 30 -18.96 10.69 2.81
N GLY A 31 -19.55 11.33 3.81
CA GLY A 31 -20.96 11.11 4.11
C GLY A 31 -21.21 9.82 4.88
N LYS A 32 -20.13 9.20 5.36
CA LYS A 32 -20.25 7.97 6.12
C LYS A 32 -20.03 8.21 7.61
N PRO A 33 -20.69 7.41 8.46
CA PRO A 33 -20.53 7.60 9.91
C PRO A 33 -19.07 7.41 10.32
N PRO A 34 -18.64 8.08 11.39
CA PRO A 34 -17.27 7.96 11.89
C PRO A 34 -16.89 6.51 12.20
N GLN A 35 -17.90 5.70 12.54
CA GLN A 35 -17.71 4.27 12.80
C GLN A 35 -17.09 3.55 11.59
N TYR A 36 -17.37 4.07 10.40
CA TYR A 36 -16.90 3.43 9.15
C TYR A 36 -15.47 3.79 8.81
N ILE A 37 -14.90 4.78 9.51
CA ILE A 37 -13.65 5.39 9.06
C ILE A 37 -12.43 4.79 9.75
N ALA A 38 -11.48 4.31 8.96
CA ALA A 38 -10.21 3.84 9.49
C ALA A 38 -9.09 4.76 9.01
N VAL A 39 -8.17 5.12 9.90
CA VAL A 39 -7.05 5.99 9.54
CA VAL A 39 -7.06 5.97 9.53
C VAL A 39 -5.72 5.39 10.00
N HIS A 40 -4.67 5.69 9.26
CA HIS A 40 -3.37 5.09 9.48
C HIS A 40 -2.29 6.08 9.09
N VAL A 41 -1.43 6.44 10.03
CA VAL A 41 -0.39 7.43 9.80
C VAL A 41 0.98 6.82 10.07
N VAL A 42 1.89 6.94 9.09
CA VAL A 42 3.19 6.29 9.18
C VAL A 42 4.29 7.34 8.99
N PRO A 43 4.86 7.82 10.10
CA PRO A 43 5.91 8.86 10.07
C PRO A 43 7.31 8.28 9.86
N ASP A 44 8.29 9.17 9.78
CA ASP A 44 9.71 8.79 9.79
C ASP A 44 10.10 7.89 8.62
N GLN A 45 9.41 8.04 7.50
CA GLN A 45 9.66 7.19 6.36
C GLN A 45 10.81 7.67 5.49
N LEU A 46 11.50 6.73 4.86
CA LEU A 46 12.56 7.05 3.92
C LEU A 46 11.94 7.28 2.55
N MET A 47 11.72 8.54 2.20
CA MET A 47 11.15 8.84 0.90
C MET A 47 11.68 10.12 0.28
N ALA A 48 11.44 10.26 -1.01
CA ALA A 48 11.77 11.49 -1.73
C ALA A 48 10.64 11.79 -2.70
N PHE A 49 10.49 13.07 -3.02
CA PHE A 49 9.47 13.52 -3.96
C PHE A 49 10.21 14.51 -4.86
N GLY A 50 10.23 14.22 -6.17
CA GLY A 50 10.99 15.04 -7.08
C GLY A 50 12.49 15.02 -6.81
N GLY A 51 12.94 13.97 -6.12
CA GLY A 51 14.36 13.85 -5.82
C GLY A 51 14.80 14.58 -4.56
N SER A 52 13.85 15.23 -3.89
CA SER A 52 14.14 15.99 -2.67
C SER A 52 13.57 15.29 -1.44
N SER A 53 14.27 15.42 -0.32
CA SER A 53 13.82 14.81 0.93
C SER A 53 13.15 15.81 1.87
N GLU A 54 12.78 16.98 1.34
CA GLU A 54 11.92 17.89 2.08
C GLU A 54 10.62 17.16 2.43
N PRO A 55 9.88 17.67 3.43
CA PRO A 55 8.65 16.98 3.83
C PRO A 55 7.74 16.67 2.66
N CYS A 56 7.24 15.44 2.62
CA CYS A 56 6.31 15.02 1.58
C CYS A 56 5.41 13.93 2.13
N ALA A 57 4.39 13.56 1.37
CA ALA A 57 3.50 12.49 1.80
C ALA A 57 2.98 11.71 0.61
N LEU A 58 2.88 10.40 0.77
CA LEU A 58 2.20 9.55 -0.21
C LEU A 58 1.01 8.93 0.51
N CYS A 59 -0.18 9.11 -0.05
CA CYS A 59 -1.41 8.75 0.65
C CYS A 59 -2.32 7.88 -0.20
N SER A 60 -3.26 7.19 0.44
CA SER A 60 -4.32 6.51 -0.28
CA SER A 60 -4.32 6.49 -0.27
C SER A 60 -5.64 6.64 0.47
N LEU A 61 -6.72 6.73 -0.30
CA LEU A 61 -8.06 6.70 0.27
C LEU A 61 -8.86 5.63 -0.47
N HIS A 62 -9.33 4.63 0.26
CA HIS A 62 -10.18 3.59 -0.28
C HIS A 62 -11.60 3.81 0.23
N SER A 63 -12.57 3.77 -0.66
CA SER A 63 -13.97 3.87 -0.28
C SER A 63 -14.83 3.06 -1.24
N ILE A 64 -15.90 2.48 -0.70
CA ILE A 64 -16.89 1.84 -1.55
C ILE A 64 -17.82 2.92 -2.07
N GLY A 65 -17.58 3.37 -3.29
CA GLY A 65 -18.31 4.52 -3.82
C GLY A 65 -17.78 5.83 -3.24
N LYS A 66 -18.47 6.92 -3.56
CA LYS A 66 -18.08 8.25 -3.11
C LYS A 66 -16.70 8.63 -3.67
N ILE A 67 -16.32 8.00 -4.76
CA ILE A 67 -15.08 8.33 -5.47
C ILE A 67 -15.43 8.82 -6.88
N GLY A 68 -14.85 9.96 -7.27
CA GLY A 68 -15.13 10.50 -8.58
C GLY A 68 -14.46 11.83 -8.82
N GLY A 69 -14.64 12.38 -10.01
CA GLY A 69 -13.96 13.60 -10.40
C GLY A 69 -14.02 14.70 -9.36
N ALA A 70 -15.22 15.25 -9.14
CA ALA A 70 -15.37 16.41 -8.27
C ALA A 70 -15.15 16.04 -6.81
N GLN A 71 -15.58 14.84 -6.43
CA GLN A 71 -15.42 14.39 -5.05
C GLN A 71 -13.95 14.27 -4.69
N ASN A 72 -13.15 13.71 -5.60
CA ASN A 72 -11.73 13.52 -5.33
C ASN A 72 -10.98 14.85 -5.24
N ARG A 73 -11.40 15.82 -6.04
CA ARG A 73 -10.78 17.14 -5.94
C ARG A 73 -11.09 17.74 -4.58
N SER A 74 -12.30 17.48 -4.09
CA SER A 74 -12.70 17.98 -2.77
C SER A 74 -11.92 17.29 -1.66
N TYR A 75 -11.74 15.97 -1.77
CA TYR A 75 -10.94 15.24 -0.80
C TYR A 75 -9.51 15.77 -0.78
N SER A 76 -8.97 16.04 -1.97
CA SER A 76 -7.59 16.49 -2.08
C SER A 76 -7.39 17.85 -1.41
N LYS A 77 -8.34 18.75 -1.60
CA LYS A 77 -8.28 20.05 -0.97
C LYS A 77 -8.31 19.89 0.55
N LEU A 78 -9.24 19.06 1.02
CA LEU A 78 -9.39 18.80 2.45
C LEU A 78 -8.12 18.19 3.04
N LEU A 79 -7.62 17.14 2.41
CA LEU A 79 -6.49 16.38 2.96
C LEU A 79 -5.15 17.09 2.82
N CYS A 80 -4.92 17.76 1.69
CA CYS A 80 -3.71 18.58 1.55
C CYS A 80 -3.73 19.72 2.57
N GLY A 81 -4.90 20.28 2.84
CA GLY A 81 -5.01 21.33 3.83
C GLY A 81 -4.62 20.86 5.22
N LEU A 82 -5.09 19.66 5.59
CA LEU A 82 -4.74 19.09 6.88
C LEU A 82 -3.26 18.76 6.98
N LEU A 83 -2.70 18.19 5.92
CA LEU A 83 -1.29 17.82 5.93
C LEU A 83 -0.39 19.05 6.01
N ALA A 84 -0.83 20.14 5.39
CA ALA A 84 -0.04 21.37 5.38
C ALA A 84 -0.10 22.04 6.76
N GLU A 85 -1.31 22.11 7.31
CA GLU A 85 -1.51 22.75 8.60
C GLU A 85 -0.91 21.94 9.75
N ARG A 86 -1.16 20.64 9.75
CA ARG A 86 -0.79 19.80 10.88
C ARG A 86 0.63 19.24 10.80
N LEU A 87 1.07 18.87 9.60
CA LEU A 87 2.39 18.27 9.44
C LEU A 87 3.37 19.18 8.68
N ARG A 88 2.87 20.34 8.25
CA ARG A 88 3.71 21.32 7.58
C ARG A 88 4.28 20.78 6.27
N ILE A 89 3.49 19.97 5.59
CA ILE A 89 3.86 19.43 4.29
C ILE A 89 3.22 20.28 3.18
N SER A 90 4.02 20.73 2.23
CA SER A 90 3.52 21.50 1.10
CA SER A 90 3.51 21.49 1.10
C SER A 90 2.60 20.65 0.23
N PRO A 91 1.44 21.19 -0.15
CA PRO A 91 0.49 20.45 -1.00
C PRO A 91 1.08 19.91 -2.30
N ASP A 92 2.07 20.61 -2.87
CA ASP A 92 2.65 20.15 -4.12
C ASP A 92 3.70 19.06 -3.90
N ARG A 93 3.82 18.58 -2.67
CA ARG A 93 4.67 17.43 -2.36
C ARG A 93 3.85 16.32 -1.72
N VAL A 94 2.56 16.28 -2.06
CA VAL A 94 1.66 15.22 -1.62
C VAL A 94 1.05 14.53 -2.86
N TYR A 95 1.06 13.21 -2.86
CA TYR A 95 0.25 12.45 -3.81
C TYR A 95 -0.80 11.67 -3.02
N ILE A 96 -2.02 11.62 -3.55
CA ILE A 96 -3.07 10.79 -2.95
C ILE A 96 -3.69 9.89 -4.02
N ASN A 97 -3.59 8.58 -3.83
CA ASN A 97 -4.24 7.63 -4.74
C ASN A 97 -5.63 7.33 -4.22
N TYR A 98 -6.63 7.49 -5.09
CA TYR A 98 -8.01 7.19 -4.73
C TYR A 98 -8.44 5.84 -5.32
N TYR A 99 -9.08 5.02 -4.50
CA TYR A 99 -9.57 3.73 -4.96
C TYR A 99 -11.06 3.59 -4.69
N ASP A 100 -11.82 3.35 -5.76
CA ASP A 100 -13.24 3.03 -5.62
C ASP A 100 -13.36 1.51 -5.51
N MET A 101 -13.61 1.03 -4.30
CA MET A 101 -13.64 -0.41 -4.05
C MET A 101 -15.02 -1.01 -4.34
N ASN A 102 -15.04 -2.16 -5.00
CA ASN A 102 -16.27 -2.93 -5.13
C ASN A 102 -16.59 -3.58 -3.77
N ALA A 103 -17.86 -3.53 -3.37
CA ALA A 103 -18.25 -4.04 -2.07
C ALA A 103 -17.83 -5.50 -1.88
N ALA A 104 -17.77 -6.25 -2.98
CA ALA A 104 -17.41 -7.66 -2.93
C ALA A 104 -15.92 -7.84 -2.66
N ASN A 105 -15.17 -6.76 -2.86
CA ASN A 105 -13.72 -6.78 -2.70
C ASN A 105 -13.27 -6.13 -1.39
N VAL A 106 -14.21 -5.98 -0.46
CA VAL A 106 -13.87 -5.48 0.88
C VAL A 106 -14.36 -6.43 1.97
N GLY A 107 -13.40 -7.00 2.70
CA GLY A 107 -13.75 -7.89 3.80
C GLY A 107 -13.85 -7.14 5.12
N TRP A 108 -14.78 -7.57 5.96
CA TRP A 108 -14.96 -7.01 7.30
C TRP A 108 -15.82 -7.97 8.09
N ASN A 109 -15.48 -8.19 9.36
CA ASN A 109 -16.30 -8.97 10.27
C ASN A 109 -16.67 -10.35 9.67
N ASN A 110 -15.66 -11.06 9.17
CA ASN A 110 -15.82 -12.43 8.71
C ASN A 110 -16.53 -12.60 7.37
N SER A 111 -16.84 -11.50 6.70
CA SER A 111 -17.48 -11.56 5.39
C SER A 111 -17.02 -10.39 4.53
N THR A 112 -17.80 -10.09 3.48
CA THR A 112 -17.59 -8.88 2.69
C THR A 112 -18.84 -8.01 2.72
N PHE A 113 -18.79 -6.85 2.09
CA PHE A 113 -19.91 -5.92 2.09
C PHE A 113 -20.88 -6.15 0.95
N ALA A 114 -20.59 -7.13 0.10
CA ALA A 114 -21.50 -7.51 -0.97
C ALA A 114 -22.79 -8.08 -0.40
N PRO B 1 4.73 9.57 -11.13
CA PRO B 1 4.78 8.15 -10.72
C PRO B 1 5.24 7.97 -9.28
N MET B 2 4.86 6.84 -8.70
CA MET B 2 5.12 6.58 -7.30
C MET B 2 5.64 5.15 -7.18
N PHE B 3 6.84 4.99 -6.62
CA PHE B 3 7.40 3.65 -6.45
C PHE B 3 7.69 3.36 -4.97
N ILE B 4 7.14 2.25 -4.49
CA ILE B 4 7.27 1.85 -3.10
C ILE B 4 7.99 0.51 -3.03
N VAL B 5 9.01 0.42 -2.18
CA VAL B 5 9.67 -0.86 -1.90
C VAL B 5 9.56 -1.21 -0.42
N ASN B 6 8.93 -2.34 -0.12
CA ASN B 6 8.97 -2.88 1.23
C ASN B 6 9.88 -4.11 1.22
N THR B 7 10.81 -4.18 2.18
CA THR B 7 11.78 -5.26 2.17
C THR B 7 12.22 -5.66 3.58
N ASN B 8 12.60 -6.92 3.74
CA ASN B 8 13.16 -7.35 5.03
C ASN B 8 14.66 -7.07 5.16
N VAL B 9 15.27 -6.56 4.09
CA VAL B 9 16.66 -6.13 4.16
C VAL B 9 16.82 -5.00 5.17
N PRO B 10 17.87 -5.06 6.02
CA PRO B 10 18.01 -4.05 7.07
C PRO B 10 18.36 -2.65 6.52
N ARG B 11 17.97 -1.63 7.28
CA ARG B 11 18.20 -0.25 6.88
C ARG B 11 19.67 0.05 6.56
N ALA B 12 20.57 -0.55 7.34
CA ALA B 12 21.99 -0.29 7.17
C ALA B 12 22.50 -0.77 5.82
N SER B 13 21.75 -1.69 5.20
CA SER B 13 22.17 -2.27 3.93
C SER B 13 21.68 -1.47 2.72
N VAL B 14 20.85 -0.47 2.98
CA VAL B 14 20.42 0.44 1.91
C VAL B 14 21.55 1.44 1.64
N PRO B 15 22.09 1.44 0.41
CA PRO B 15 23.26 2.27 0.12
C PRO B 15 22.96 3.76 -0.04
N ASP B 16 23.93 4.60 0.31
CA ASP B 16 23.84 6.03 0.01
C ASP B 16 23.55 6.20 -1.48
N GLY B 17 22.54 7.01 -1.78
CA GLY B 17 22.21 7.30 -3.16
C GLY B 17 21.07 6.48 -3.74
N PHE B 18 20.52 5.56 -2.95
CA PHE B 18 19.53 4.63 -3.46
C PHE B 18 18.24 5.32 -3.92
N LEU B 19 17.71 6.23 -3.09
CA LEU B 19 16.48 6.94 -3.43
C LEU B 19 16.68 7.77 -4.69
N SER B 20 17.87 8.37 -4.82
CA SER B 20 18.16 9.21 -5.96
C SER B 20 18.32 8.38 -7.24
N GLU B 21 18.92 7.21 -7.11
CA GLU B 21 19.05 6.33 -8.27
C GLU B 21 17.69 5.88 -8.77
N LEU B 22 16.83 5.47 -7.84
CA LEU B 22 15.47 5.08 -8.19
C LEU B 22 14.74 6.24 -8.86
N THR B 23 14.84 7.43 -8.29
CA THR B 23 14.16 8.60 -8.84
C THR B 23 14.59 8.82 -10.29
N GLN B 24 15.89 8.83 -10.53
CA GLN B 24 16.42 9.17 -11.85
C GLN B 24 16.14 8.09 -12.88
N GLN B 25 16.33 6.83 -12.48
CA GLN B 25 16.10 5.72 -13.40
C GLN B 25 14.62 5.55 -13.74
N LEU B 26 13.75 5.92 -12.80
CA LEU B 26 12.32 5.85 -13.06
C LEU B 26 11.86 7.02 -13.94
N ALA B 27 12.48 8.18 -13.79
CA ALA B 27 12.18 9.29 -14.69
C ALA B 27 12.55 8.87 -16.11
N GLN B 28 13.72 8.27 -16.24
CA GLN B 28 14.21 7.79 -17.52
C GLN B 28 13.31 6.70 -18.12
N ALA B 29 12.92 5.74 -17.29
CA ALA B 29 12.11 4.61 -17.76
C ALA B 29 10.70 5.03 -18.21
N THR B 30 10.08 5.95 -17.47
CA THR B 30 8.68 6.31 -17.75
C THR B 30 8.55 7.52 -18.66
N GLY B 31 9.66 8.20 -18.93
CA GLY B 31 9.63 9.36 -19.80
C GLY B 31 9.02 10.58 -19.12
N LYS B 32 8.84 10.51 -17.82
CA LYS B 32 8.30 11.62 -17.04
C LYS B 32 9.44 12.42 -16.40
N PRO B 33 9.31 13.75 -16.35
CA PRO B 33 10.33 14.56 -15.66
C PRO B 33 10.47 14.14 -14.19
N PRO B 34 11.69 14.25 -13.65
CA PRO B 34 12.02 13.75 -12.31
C PRO B 34 11.21 14.44 -11.21
N GLN B 35 10.75 15.66 -11.47
CA GLN B 35 9.95 16.40 -10.49
C GLN B 35 8.68 15.62 -10.12
N TYR B 36 8.23 14.78 -11.03
CA TYR B 36 7.00 14.00 -10.87
C TYR B 36 7.19 12.74 -10.05
N ILE B 37 8.43 12.30 -9.88
CA ILE B 37 8.72 10.96 -9.36
C ILE B 37 8.83 10.94 -7.85
N ALA B 38 8.05 10.07 -7.20
CA ALA B 38 8.14 9.89 -5.75
C ALA B 38 8.59 8.48 -5.47
N VAL B 39 9.49 8.33 -4.50
CA VAL B 39 10.03 7.02 -4.14
C VAL B 39 9.98 6.82 -2.64
N HIS B 40 9.79 5.58 -2.23
CA HIS B 40 9.56 5.27 -0.83
C HIS B 40 10.13 3.89 -0.54
N VAL B 41 11.06 3.82 0.39
CA VAL B 41 11.77 2.57 0.69
C VAL B 41 11.57 2.21 2.16
N VAL B 42 11.08 1.00 2.42
CA VAL B 42 10.77 0.60 3.78
C VAL B 42 11.51 -0.69 4.14
N PRO B 43 12.65 -0.56 4.85
CA PRO B 43 13.49 -1.68 5.28
C PRO B 43 13.03 -2.35 6.56
N ASP B 44 13.74 -3.41 6.95
CA ASP B 44 13.55 -4.06 8.24
C ASP B 44 12.16 -4.63 8.45
N GLN B 45 11.49 -5.00 7.36
CA GLN B 45 10.13 -5.50 7.45
C GLN B 45 10.05 -6.96 7.86
N LEU B 46 8.97 -7.32 8.54
CA LEU B 46 8.68 -8.70 8.86
C LEU B 46 7.90 -9.32 7.70
N MET B 47 8.61 -10.02 6.83
CA MET B 47 7.95 -10.62 5.68
C MET B 47 8.57 -11.93 5.25
N ALA B 48 7.82 -12.69 4.46
CA ALA B 48 8.31 -13.94 3.91
C ALA B 48 7.88 -14.04 2.45
N PHE B 49 8.70 -14.71 1.65
CA PHE B 49 8.34 -14.96 0.26
C PHE B 49 8.49 -16.47 0.03
N GLY B 50 7.39 -17.13 -0.29
CA GLY B 50 7.42 -18.56 -0.49
C GLY B 50 7.73 -19.34 0.78
N GLY B 51 7.41 -18.74 1.93
CA GLY B 51 7.67 -19.41 3.20
C GLY B 51 9.11 -19.31 3.65
N SER B 52 9.90 -18.50 2.96
CA SER B 52 11.30 -18.27 3.34
C SER B 52 11.52 -16.82 3.76
N SER B 53 12.39 -16.62 4.75
CA SER B 53 12.69 -15.27 5.22
C SER B 53 14.01 -14.73 4.68
N GLU B 54 14.52 -15.36 3.62
CA GLU B 54 15.66 -14.80 2.89
C GLU B 54 15.24 -13.45 2.29
N PRO B 55 16.22 -12.63 1.88
CA PRO B 55 15.87 -11.30 1.39
C PRO B 55 14.80 -11.33 0.31
N CYS B 56 13.84 -10.44 0.42
CA CYS B 56 12.77 -10.34 -0.57
C CYS B 56 12.24 -8.92 -0.60
N ALA B 57 11.39 -8.63 -1.58
CA ALA B 57 10.81 -7.31 -1.68
C ALA B 57 9.39 -7.39 -2.22
N LEU B 58 8.50 -6.59 -1.64
CA LEU B 58 7.18 -6.40 -2.18
C LEU B 58 7.06 -4.93 -2.59
N CYS B 59 6.77 -4.70 -3.88
CA CYS B 59 6.83 -3.36 -4.44
C CYS B 59 5.55 -2.97 -5.15
N SER B 60 5.35 -1.67 -5.31
CA SER B 60 4.30 -1.16 -6.19
CA SER B 60 4.28 -1.14 -6.16
C SER B 60 4.82 0.00 -7.03
N LEU B 61 4.35 0.06 -8.27
CA LEU B 61 4.56 1.24 -9.10
C LEU B 61 3.22 1.76 -9.58
N HIS B 62 2.89 3.00 -9.21
CA HIS B 62 1.68 3.68 -9.69
C HIS B 62 2.05 4.76 -10.69
N SER B 63 1.39 4.78 -11.83
CA SER B 63 1.62 5.82 -12.82
C SER B 63 0.33 6.13 -13.57
N ILE B 64 0.15 7.39 -13.95
CA ILE B 64 -0.94 7.74 -14.84
C ILE B 64 -0.48 7.47 -16.27
N GLY B 65 -0.91 6.33 -16.81
CA GLY B 65 -0.41 5.92 -18.11
C GLY B 65 0.98 5.32 -18.02
N LYS B 66 1.54 4.93 -19.16
CA LYS B 66 2.88 4.35 -19.22
C LYS B 66 2.93 3.01 -18.47
N ILE B 67 1.78 2.36 -18.38
CA ILE B 67 1.66 1.04 -17.77
C ILE B 67 1.08 0.10 -18.81
N GLY B 68 1.71 -1.06 -18.99
CA GLY B 68 1.27 -1.97 -20.04
C GLY B 68 2.19 -3.16 -20.18
N GLY B 69 1.80 -4.11 -21.03
CA GLY B 69 2.53 -5.36 -21.13
C GLY B 69 4.02 -5.21 -21.26
N ALA B 70 4.47 -4.62 -22.37
CA ALA B 70 5.91 -4.55 -22.65
C ALA B 70 6.60 -3.57 -21.71
N GLN B 71 5.93 -2.46 -21.41
CA GLN B 71 6.50 -1.46 -20.51
C GLN B 71 6.73 -2.03 -19.11
N ASN B 72 5.78 -2.82 -18.63
CA ASN B 72 5.89 -3.38 -17.28
C ASN B 72 7.01 -4.41 -17.21
N ARG B 73 7.22 -5.15 -18.30
CA ARG B 73 8.33 -6.09 -18.34
C ARG B 73 9.66 -5.34 -18.31
N SER B 74 9.70 -4.17 -18.95
CA SER B 74 10.91 -3.35 -18.94
C SER B 74 11.16 -2.77 -17.55
N TYR B 75 10.10 -2.27 -16.90
CA TYR B 75 10.21 -1.77 -15.54
C TYR B 75 10.71 -2.86 -14.60
N SER B 76 10.22 -4.08 -14.80
CA SER B 76 10.58 -5.19 -13.92
C SER B 76 12.07 -5.53 -14.05
N LYS B 77 12.58 -5.52 -15.28
CA LYS B 77 14.00 -5.81 -15.50
C LYS B 77 14.85 -4.74 -14.84
N LEU B 78 14.44 -3.49 -14.99
CA LEU B 78 15.16 -2.36 -14.42
C LEU B 78 15.15 -2.43 -12.89
N LEU B 79 13.96 -2.63 -12.32
CA LEU B 79 13.80 -2.52 -10.89
C LEU B 79 14.35 -3.74 -10.16
N CYS B 80 14.14 -4.93 -10.72
CA CYS B 80 14.74 -6.14 -10.15
C CYS B 80 16.26 -6.05 -10.23
N GLY B 81 16.76 -5.44 -11.29
CA GLY B 81 18.19 -5.27 -11.43
C GLY B 81 18.74 -4.39 -10.34
N LEU B 82 18.03 -3.31 -10.03
CA LEU B 82 18.48 -2.39 -8.99
C LEU B 82 18.38 -3.02 -7.61
N LEU B 83 17.30 -3.78 -7.36
CA LEU B 83 17.14 -4.45 -6.07
C LEU B 83 18.20 -5.53 -5.87
N ALA B 84 18.58 -6.19 -6.96
CA ALA B 84 19.62 -7.22 -6.89
C ALA B 84 20.99 -6.59 -6.64
N GLU B 85 21.29 -5.55 -7.40
CA GLU B 85 22.60 -4.90 -7.32
C GLU B 85 22.79 -4.15 -6.01
N ARG B 86 21.78 -3.41 -5.57
CA ARG B 86 21.92 -2.51 -4.43
C ARG B 86 21.58 -3.16 -3.09
N LEU B 87 20.56 -4.00 -3.09
CA LEU B 87 20.06 -4.59 -1.84
C LEU B 87 20.32 -6.10 -1.79
N ARG B 88 20.91 -6.64 -2.86
CA ARG B 88 21.27 -8.05 -2.94
C ARG B 88 20.05 -8.97 -2.76
N ILE B 89 18.94 -8.58 -3.38
CA ILE B 89 17.73 -9.37 -3.37
C ILE B 89 17.59 -10.10 -4.69
N SER B 90 17.35 -11.41 -4.62
CA SER B 90 17.17 -12.21 -5.83
C SER B 90 15.90 -11.77 -6.55
N PRO B 91 15.98 -11.59 -7.88
CA PRO B 91 14.82 -11.18 -8.66
C PRO B 91 13.60 -12.09 -8.50
N ASP B 92 13.83 -13.38 -8.25
CA ASP B 92 12.72 -14.29 -8.10
C ASP B 92 12.12 -14.27 -6.68
N ARG B 93 12.58 -13.35 -5.86
CA ARG B 93 11.95 -13.08 -4.58
C ARG B 93 11.45 -11.64 -4.51
N VAL B 94 11.07 -11.11 -5.66
CA VAL B 94 10.49 -9.77 -5.77
C VAL B 94 9.14 -9.84 -6.47
N TYR B 95 8.12 -9.22 -5.87
CA TYR B 95 6.88 -8.94 -6.59
C TYR B 95 6.72 -7.43 -6.76
N ILE B 96 6.31 -7.00 -7.96
CA ILE B 96 5.97 -5.60 -8.17
C ILE B 96 4.55 -5.51 -8.73
N ASN B 97 3.66 -4.87 -7.97
CA ASN B 97 2.32 -4.62 -8.47
C ASN B 97 2.30 -3.29 -9.24
N TYR B 98 1.85 -3.36 -10.49
CA TYR B 98 1.74 -2.16 -11.32
C TYR B 98 0.30 -1.66 -11.37
N TYR B 99 0.14 -0.36 -11.23
CA TYR B 99 -1.18 0.26 -11.26
C TYR B 99 -1.23 1.40 -12.27
N ASP B 100 -2.15 1.29 -13.22
CA ASP B 100 -2.41 2.36 -14.17
C ASP B 100 -3.51 3.23 -13.58
N MET B 101 -3.12 4.36 -13.00
CA MET B 101 -4.05 5.23 -12.29
C MET B 101 -4.76 6.15 -13.27
N ASN B 102 -6.06 6.35 -13.05
CA ASN B 102 -6.77 7.36 -13.82
C ASN B 102 -6.45 8.73 -13.25
N ALA B 103 -6.30 9.72 -14.12
CA ALA B 103 -5.92 11.07 -13.69
C ALA B 103 -6.87 11.60 -12.64
N ALA B 104 -8.15 11.22 -12.73
CA ALA B 104 -9.15 11.70 -11.79
C ALA B 104 -8.96 11.09 -10.40
N ASN B 105 -8.20 9.99 -10.34
CA ASN B 105 -8.03 9.26 -9.09
C ASN B 105 -6.65 9.48 -8.45
N VAL B 106 -5.98 10.55 -8.86
CA VAL B 106 -4.72 10.93 -8.23
C VAL B 106 -4.76 12.39 -7.76
N GLY B 107 -4.64 12.56 -6.45
CA GLY B 107 -4.63 13.90 -5.88
C GLY B 107 -3.23 14.47 -5.80
N TRP B 108 -3.14 15.79 -5.92
CA TRP B 108 -1.88 16.51 -5.82
C TRP B 108 -2.19 17.99 -5.73
N ASN B 109 -1.49 18.71 -4.85
CA ASN B 109 -1.58 20.17 -4.80
C ASN B 109 -3.03 20.65 -4.71
N ASN B 110 -3.76 20.10 -3.74
CA ASN B 110 -5.11 20.56 -3.41
C ASN B 110 -6.19 20.16 -4.41
N SER B 111 -5.80 19.43 -5.45
CA SER B 111 -6.77 19.01 -6.47
C SER B 111 -6.37 17.64 -7.00
N THR B 112 -6.74 17.34 -8.24
CA THR B 112 -6.30 16.10 -8.88
C THR B 112 -5.70 16.43 -10.24
N PHE B 113 -5.39 15.40 -11.02
CA PHE B 113 -4.87 15.61 -12.36
C PHE B 113 -5.98 15.61 -13.40
N ALA B 114 -7.22 15.56 -12.94
CA ALA B 114 -8.36 15.73 -13.82
C ALA B 114 -8.84 17.17 -13.73
N LEU B 115 -8.38 17.98 -14.68
CA LEU B 115 -8.62 19.42 -14.64
C LEU B 115 -9.52 19.86 -15.78
N GLU B 116 -10.07 18.90 -16.52
CA GLU B 116 -10.78 19.19 -17.76
C GLU B 116 -12.28 19.37 -17.62
N HIS B 117 -12.88 18.72 -16.64
CA HIS B 117 -14.33 18.76 -16.50
C HIS B 117 -14.77 19.04 -15.06
N PRO C 1 0.41 -14.93 -4.79
CA PRO C 1 -0.42 -14.00 -4.00
C PRO C 1 0.38 -13.25 -2.93
N MET C 2 -0.17 -12.12 -2.49
CA MET C 2 0.52 -11.26 -1.54
C MET C 2 -0.48 -10.82 -0.48
N PHE C 3 -0.17 -11.09 0.78
CA PHE C 3 -1.04 -10.69 1.88
C PHE C 3 -0.28 -9.75 2.81
N ILE C 4 -0.85 -8.58 3.04
CA ILE C 4 -0.24 -7.59 3.92
C ILE C 4 -1.18 -7.28 5.08
N VAL C 5 -0.62 -7.28 6.29
CA VAL C 5 -1.37 -6.89 7.48
C VAL C 5 -0.69 -5.72 8.17
N ASN C 6 -1.42 -4.62 8.31
CA ASN C 6 -0.94 -3.49 9.11
C ASN C 6 -1.80 -3.42 10.36
N THR C 7 -1.16 -3.37 11.53
CA THR C 7 -1.89 -3.40 12.78
C THR C 7 -1.21 -2.56 13.85
N ASN C 8 -1.99 -2.10 14.83
CA ASN C 8 -1.43 -1.35 15.95
C ASN C 8 -1.04 -2.27 17.11
N VAL C 9 -1.29 -3.56 16.94
CA VAL C 9 -0.82 -4.56 17.91
C VAL C 9 0.71 -4.52 17.99
N PRO C 10 1.28 -4.67 19.20
CA PRO C 10 2.74 -4.64 19.34
C PRO C 10 3.45 -5.84 18.70
N ARG C 11 4.69 -5.63 18.29
CA ARG C 11 5.47 -6.67 17.65
C ARG C 11 5.55 -7.93 18.52
N ALA C 12 5.70 -7.74 19.82
CA ALA C 12 5.85 -8.86 20.75
C ALA C 12 4.62 -9.77 20.76
N SER C 13 3.48 -9.23 20.35
CA SER C 13 2.23 -9.99 20.34
C SER C 13 2.06 -10.83 19.07
N VAL C 14 2.95 -10.65 18.11
CA VAL C 14 2.92 -11.47 16.89
C VAL C 14 3.64 -12.78 17.17
N PRO C 15 2.91 -13.90 17.18
CA PRO C 15 3.53 -15.18 17.53
C PRO C 15 4.57 -15.63 16.51
N ASP C 16 5.63 -16.27 17.00
CA ASP C 16 6.57 -16.92 16.11
C ASP C 16 5.79 -17.94 15.28
N GLY C 17 6.12 -18.03 14.00
CA GLY C 17 5.44 -18.97 13.13
C GLY C 17 4.19 -18.39 12.47
N PHE C 18 3.88 -17.13 12.78
CA PHE C 18 2.68 -16.51 12.23
C PHE C 18 2.78 -16.35 10.72
N LEU C 19 3.94 -15.91 10.23
CA LEU C 19 4.12 -15.75 8.79
C LEU C 19 4.02 -17.11 8.09
N SER C 20 4.58 -18.14 8.71
CA SER C 20 4.50 -19.48 8.14
C SER C 20 3.08 -20.00 8.12
N GLU C 21 2.32 -19.72 9.17
CA GLU C 21 0.93 -20.16 9.22
C GLU C 21 0.11 -19.46 8.16
N LEU C 22 0.32 -18.15 7.99
CA LEU C 22 -0.36 -17.40 6.95
C LEU C 22 -0.01 -17.97 5.57
N THR C 23 1.26 -18.30 5.37
CA THR C 23 1.70 -18.82 4.09
C THR C 23 0.97 -20.11 3.76
N GLN C 24 0.92 -21.01 4.73
CA GLN C 24 0.32 -22.33 4.52
C GLN C 24 -1.19 -22.22 4.31
N GLN C 25 -1.84 -21.42 5.14
CA GLN C 25 -3.30 -21.26 5.07
C GLN C 25 -3.74 -20.59 3.77
N LEU C 26 -2.95 -19.63 3.30
CA LEU C 26 -3.26 -18.94 2.06
C LEU C 26 -3.02 -19.82 0.84
N ALA C 27 -1.99 -20.64 0.88
CA ALA C 27 -1.74 -21.59 -0.21
C ALA C 27 -2.94 -22.53 -0.34
N GLN C 28 -3.42 -23.01 0.81
CA GLN C 28 -4.57 -23.90 0.84
C GLN C 28 -5.81 -23.19 0.32
N ALA C 29 -6.01 -21.95 0.74
CA ALA C 29 -7.23 -21.22 0.41
C ALA C 29 -7.30 -20.82 -1.05
N THR C 30 -6.17 -20.40 -1.62
CA THR C 30 -6.12 -19.89 -2.98
C THR C 30 -5.85 -21.01 -3.99
N GLY C 31 -5.31 -22.12 -3.51
CA GLY C 31 -4.97 -23.21 -4.40
C GLY C 31 -3.65 -22.99 -5.11
N LYS C 32 -2.97 -21.90 -4.78
CA LYS C 32 -1.67 -21.59 -5.35
C LYS C 32 -0.56 -22.27 -4.55
N PRO C 33 0.54 -22.64 -5.20
CA PRO C 33 1.68 -23.24 -4.49
C PRO C 33 2.24 -22.28 -3.44
N PRO C 34 2.69 -22.81 -2.29
CA PRO C 34 3.24 -22.00 -1.20
C PRO C 34 4.44 -21.17 -1.66
N GLN C 35 5.15 -21.67 -2.66
CA GLN C 35 6.34 -21.00 -3.17
C GLN C 35 6.03 -19.63 -3.78
N TYR C 36 4.77 -19.39 -4.09
CA TYR C 36 4.38 -18.13 -4.71
C TYR C 36 3.60 -17.21 -3.76
N ILE C 37 3.46 -17.63 -2.51
CA ILE C 37 2.75 -16.83 -1.51
C ILE C 37 3.72 -15.92 -0.74
N ALA C 38 3.43 -14.62 -0.73
CA ALA C 38 4.22 -13.68 0.04
C ALA C 38 3.37 -13.07 1.15
N VAL C 39 3.96 -12.95 2.34
CA VAL C 39 3.23 -12.44 3.50
CA VAL C 39 3.22 -12.41 3.49
C VAL C 39 4.04 -11.33 4.18
N HIS C 40 3.35 -10.35 4.73
CA HIS C 40 4.00 -9.16 5.28
C HIS C 40 3.16 -8.64 6.43
N VAL C 41 3.75 -8.59 7.61
CA VAL C 41 3.05 -8.13 8.80
C VAL C 41 3.74 -6.90 9.37
N VAL C 42 2.96 -5.86 9.60
CA VAL C 42 3.50 -4.59 10.06
C VAL C 42 2.82 -4.18 11.36
N PRO C 43 3.47 -4.46 12.50
CA PRO C 43 2.97 -4.16 13.84
C PRO C 43 3.29 -2.74 14.32
N ASP C 44 2.76 -2.38 15.48
CA ASP C 44 3.13 -1.15 16.17
C ASP C 44 2.73 0.09 15.38
N GLN C 45 1.70 -0.04 14.56
CA GLN C 45 1.28 1.06 13.71
C GLN C 45 0.39 2.06 14.44
N LEU C 46 0.45 3.30 13.99
CA LEU C 46 -0.40 4.36 14.50
C LEU C 46 -1.66 4.40 13.66
N MET C 47 -2.74 3.84 14.19
CA MET C 47 -3.99 3.81 13.46
C MET C 47 -5.21 3.86 14.37
N ALA C 48 -6.35 4.17 13.76
CA ALA C 48 -7.62 4.17 14.46
C ALA C 48 -8.68 3.55 13.57
N PHE C 49 -9.66 2.91 14.19
CA PHE C 49 -10.76 2.30 13.47
C PHE C 49 -12.03 2.75 14.17
N GLY C 50 -12.84 3.56 13.47
CA GLY C 50 -14.02 4.13 14.09
C GLY C 50 -13.67 5.13 15.19
N GLY C 51 -12.48 5.70 15.10
CA GLY C 51 -12.07 6.70 16.08
C GLY C 51 -11.41 6.10 17.32
N SER C 52 -11.32 4.78 17.35
CA SER C 52 -10.80 4.06 18.51
C SER C 52 -9.44 3.42 18.20
N SER C 53 -8.58 3.35 19.22
CA SER C 53 -7.25 2.78 19.06
C SER C 53 -7.10 1.39 19.67
N GLU C 54 -8.23 0.75 19.96
CA GLU C 54 -8.22 -0.65 20.36
C GLU C 54 -7.68 -1.46 19.17
N PRO C 55 -7.26 -2.71 19.41
CA PRO C 55 -6.63 -3.47 18.32
C PRO C 55 -7.46 -3.48 17.04
N CYS C 56 -6.79 -3.23 15.92
CA CYS C 56 -7.44 -3.26 14.63
C CYS C 56 -6.42 -3.66 13.56
N ALA C 57 -6.88 -3.95 12.36
CA ALA C 57 -5.98 -4.27 11.27
C ALA C 57 -6.52 -3.77 9.94
N LEU C 58 -5.62 -3.28 9.10
CA LEU C 58 -5.94 -2.96 7.72
C LEU C 58 -5.09 -3.86 6.83
N CYS C 59 -5.75 -4.64 5.97
CA CYS C 59 -5.07 -5.69 5.23
C CYS C 59 -5.35 -5.59 3.75
N SER C 60 -4.50 -6.22 2.95
CA SER C 60 -4.79 -6.39 1.54
CA SER C 60 -4.75 -6.37 1.52
C SER C 60 -4.38 -7.78 1.08
N LEU C 61 -5.14 -8.32 0.15
CA LEU C 61 -4.78 -9.58 -0.51
C LEU C 61 -4.79 -9.36 -2.01
N HIS C 62 -3.64 -9.53 -2.64
CA HIS C 62 -3.53 -9.43 -4.09
C HIS C 62 -3.34 -10.83 -4.63
N SER C 63 -4.04 -11.13 -5.71
CA SER C 63 -3.86 -12.42 -6.38
C SER C 63 -4.20 -12.26 -7.85
N ILE C 64 -3.53 -13.04 -8.69
CA ILE C 64 -3.91 -13.12 -10.09
C ILE C 64 -5.00 -14.17 -10.22
N GLY C 65 -6.26 -13.72 -10.26
CA GLY C 65 -7.38 -14.65 -10.22
C GLY C 65 -7.69 -15.13 -8.81
N LYS C 66 -8.68 -16.00 -8.69
CA LYS C 66 -9.09 -16.55 -7.40
C LYS C 66 -9.57 -15.43 -6.47
N ILE C 67 -10.09 -14.37 -7.07
CA ILE C 67 -10.70 -13.27 -6.35
C ILE C 67 -12.13 -13.12 -6.84
N GLY C 68 -13.08 -12.96 -5.92
CA GLY C 68 -14.48 -12.85 -6.32
C GLY C 68 -15.43 -12.98 -5.16
N GLY C 69 -16.72 -12.84 -5.44
CA GLY C 69 -17.71 -12.75 -4.38
C GLY C 69 -17.63 -13.82 -3.31
N ALA C 70 -17.87 -15.07 -3.67
CA ALA C 70 -17.93 -16.15 -2.68
C ALA C 70 -16.54 -16.44 -2.12
N GLN C 71 -15.53 -16.37 -2.97
CA GLN C 71 -14.16 -16.65 -2.55
C GLN C 71 -13.68 -15.63 -1.52
N ASN C 72 -14.01 -14.36 -1.75
CA ASN C 72 -13.59 -13.30 -0.83
C ASN C 72 -14.29 -13.42 0.53
N ARG C 73 -15.53 -13.88 0.53
CA ARG C 73 -16.22 -14.15 1.78
C ARG C 73 -15.49 -15.26 2.53
N SER C 74 -15.04 -16.26 1.79
CA SER C 74 -14.28 -17.36 2.40
C SER C 74 -12.95 -16.86 2.95
N TYR C 75 -12.24 -16.05 2.16
CA TYR C 75 -10.97 -15.48 2.62
C TYR C 75 -11.16 -14.64 3.87
N SER C 76 -12.25 -13.88 3.92
CA SER C 76 -12.50 -12.98 5.04
C SER C 76 -12.75 -13.75 6.33
N LYS C 77 -13.51 -14.83 6.25
CA LYS C 77 -13.75 -15.67 7.41
C LYS C 77 -12.43 -16.28 7.88
N LEU C 78 -11.64 -16.78 6.94
CA LEU C 78 -10.35 -17.39 7.26
C LEU C 78 -9.38 -16.39 7.91
N LEU C 79 -9.22 -15.23 7.28
CA LEU C 79 -8.21 -14.28 7.71
C LEU C 79 -8.60 -13.55 8.99
N CYS C 80 -9.87 -13.19 9.11
CA CYS C 80 -10.36 -12.62 10.36
C CYS C 80 -10.20 -13.62 11.50
N GLY C 81 -10.44 -14.89 11.20
CA GLY C 81 -10.28 -15.92 12.21
C GLY C 81 -8.85 -15.95 12.72
N LEU C 82 -7.90 -15.93 11.81
CA LEU C 82 -6.49 -15.97 12.17
C LEU C 82 -6.06 -14.73 12.95
N LEU C 83 -6.55 -13.56 12.54
CA LEU C 83 -6.18 -12.32 13.21
C LEU C 83 -6.77 -12.28 14.62
N ALA C 84 -7.96 -12.83 14.78
CA ALA C 84 -8.62 -12.85 16.08
C ALA C 84 -7.93 -13.84 17.01
N GLU C 85 -7.62 -15.02 16.50
CA GLU C 85 -7.00 -16.07 17.32
C GLU C 85 -5.56 -15.73 17.67
N ARG C 86 -4.81 -15.26 16.68
CA ARG C 86 -3.36 -15.08 16.85
C ARG C 86 -2.98 -13.70 17.37
N LEU C 87 -3.68 -12.66 16.92
CA LEU C 87 -3.33 -11.29 17.32
C LEU C 87 -4.38 -10.67 18.24
N ARG C 88 -5.46 -11.40 18.47
CA ARG C 88 -6.52 -10.95 19.37
C ARG C 88 -7.19 -9.68 18.87
N ILE C 89 -7.35 -9.60 17.55
CA ILE C 89 -8.07 -8.48 16.94
C ILE C 89 -9.49 -8.91 16.59
N SER C 90 -10.47 -8.12 17.04
CA SER C 90 -11.87 -8.41 16.76
C SER C 90 -12.14 -8.31 15.26
N PRO C 91 -12.90 -9.26 14.71
CA PRO C 91 -13.20 -9.23 13.27
C PRO C 91 -13.90 -7.96 12.81
N ASP C 92 -14.65 -7.31 13.68
CA ASP C 92 -15.35 -6.09 13.27
C ASP C 92 -14.44 -4.85 13.34
N ARG C 93 -13.16 -5.07 13.60
CA ARG C 93 -12.16 -4.01 13.50
C ARG C 93 -11.08 -4.36 12.49
N VAL C 94 -11.46 -5.15 11.49
CA VAL C 94 -10.55 -5.53 10.41
C VAL C 94 -11.15 -5.12 9.08
N TYR C 95 -10.36 -4.47 8.23
CA TYR C 95 -10.70 -4.31 6.83
C TYR C 95 -9.70 -5.10 5.99
N ILE C 96 -10.22 -5.81 4.99
CA ILE C 96 -9.35 -6.45 4.01
C ILE C 96 -9.74 -5.98 2.60
N ASN C 97 -8.83 -5.31 1.91
CA ASN C 97 -9.04 -4.95 0.50
C ASN C 97 -8.53 -6.06 -0.41
N TYR C 98 -9.40 -6.56 -1.29
CA TYR C 98 -9.01 -7.61 -2.23
C TYR C 98 -8.74 -7.02 -3.61
N TYR C 99 -7.69 -7.52 -4.26
CA TYR C 99 -7.29 -7.03 -5.57
C TYR C 99 -7.06 -8.18 -6.53
N ASP C 100 -7.83 -8.21 -7.62
CA ASP C 100 -7.65 -9.20 -8.67
C ASP C 100 -6.68 -8.61 -9.67
N MET C 101 -5.43 -9.07 -9.64
CA MET C 101 -4.37 -8.50 -10.47
C MET C 101 -4.33 -9.16 -11.84
N ASN C 102 -4.12 -8.37 -12.88
CA ASN C 102 -3.85 -8.92 -14.21
C ASN C 102 -2.41 -9.39 -14.25
N ALA C 103 -2.18 -10.53 -14.90
CA ALA C 103 -0.85 -11.11 -14.96
C ALA C 103 0.18 -10.12 -15.52
N ALA C 104 -0.25 -9.30 -16.47
CA ALA C 104 0.66 -8.35 -17.12
C ALA C 104 1.05 -7.23 -16.16
N ASN C 105 0.30 -7.09 -15.07
CA ASN C 105 0.53 -6.02 -14.11
C ASN C 105 1.23 -6.51 -12.84
N VAL C 106 1.82 -7.69 -12.90
CA VAL C 106 2.61 -8.19 -11.78
C VAL C 106 4.03 -8.54 -12.21
N GLY C 107 5.00 -7.80 -11.68
CA GLY C 107 6.39 -8.07 -12.00
C GLY C 107 6.97 -9.12 -11.09
N TRP C 108 7.88 -9.92 -11.63
CA TRP C 108 8.57 -10.96 -10.89
C TRP C 108 9.73 -11.46 -11.74
N ASN C 109 10.88 -11.70 -11.11
CA ASN C 109 11.99 -12.35 -11.79
C ASN C 109 12.38 -11.64 -13.09
N ASN C 110 12.56 -10.32 -13.02
CA ASN C 110 13.02 -9.52 -14.15
C ASN C 110 11.99 -9.33 -15.26
N SER C 111 10.80 -9.86 -15.07
CA SER C 111 9.74 -9.76 -16.08
C SER C 111 8.38 -9.64 -15.40
N THR C 112 7.33 -10.04 -16.09
CA THR C 112 6.00 -10.15 -15.47
C THR C 112 5.45 -11.56 -15.67
N PHE C 113 4.20 -11.78 -15.27
CA PHE C 113 3.55 -13.06 -15.49
C PHE C 113 2.82 -13.12 -16.83
N ALA C 114 2.99 -12.06 -17.63
CA ALA C 114 2.49 -12.07 -18.99
C ALA C 114 3.63 -12.43 -19.93
N LEU C 115 3.73 -13.72 -20.26
CA LEU C 115 4.87 -14.21 -21.02
C LEU C 115 4.45 -14.66 -22.41
N GLU C 116 3.19 -14.40 -22.77
CA GLU C 116 2.58 -15.00 -23.95
C GLU C 116 2.57 -14.09 -25.18
N HIS C 117 2.67 -12.78 -24.96
CA HIS C 117 2.52 -11.84 -26.06
C HIS C 117 3.53 -10.70 -26.03
N HIS C 118 3.70 -10.07 -27.19
CA HIS C 118 4.62 -8.95 -27.35
C HIS C 118 3.99 -7.86 -28.21
CAA 428 D . -19.91 -0.24 6.10
NAB 428 D . -18.64 0.33 6.11
NAC 428 D . -20.12 -0.82 7.27
CAD 428 D . -20.70 -0.09 4.96
CAE 428 D . -18.11 0.06 7.30
NAF 428 D . -18.18 0.94 5.14
CAG 428 D . -19.02 -0.63 7.99
CAH 428 D . -20.15 0.61 3.88
CAI 428 D . -18.87 1.11 4.00
CAJ 428 D . -18.86 -1.14 9.43
OAK 428 D . -18.32 1.81 2.97
CAL 428 D . -17.46 -0.83 9.99
CAM 428 D . -19.95 -0.55 10.33
C1 GOL E . -12.08 -0.22 3.29
O1 GOL E . -11.30 -0.13 2.08
C2 GOL E . -13.48 0.36 3.04
O2 GOL E . -13.37 1.69 2.53
C3 GOL E . -14.27 0.36 4.35
O3 GOL E . -15.55 0.95 4.14
C1 GOL F . 1.33 10.37 -9.92
O1 GOL F . 2.22 10.46 -11.05
C2 GOL F . 1.29 8.93 -9.42
O2 GOL F . 0.85 8.07 -10.47
C3 GOL F . 0.32 8.82 -8.24
O3 GOL F . 0.26 7.47 -7.80
S SO4 G . -17.64 20.32 -18.14
O1 SO4 G . -18.87 20.93 -18.66
O2 SO4 G . -16.90 21.31 -17.34
O3 SO4 G . -17.99 19.17 -17.28
O4 SO4 G . -16.80 19.87 -19.25
C1 GOL H . 1.36 -10.43 -6.19
O1 GOL H . 0.58 -9.23 -6.29
C2 GOL H . 0.69 -11.53 -7.02
O2 GOL H . -0.67 -11.71 -6.59
C3 GOL H . 1.47 -12.84 -6.84
O3 GOL H . 0.79 -13.89 -7.55
S SO4 I . 2.56 -11.91 -30.11
O1 SO4 I . 1.44 -12.84 -29.95
O2 SO4 I . 2.22 -10.63 -29.46
O3 SO4 I . 3.76 -12.47 -29.50
O4 SO4 I . 2.80 -11.68 -31.54
#